data_8JTO
#
_entry.id   8JTO
#
_cell.length_a   151.045
_cell.length_b   151.045
_cell.length_c   49.099
_cell.angle_alpha   90.00
_cell.angle_beta   90.00
_cell.angle_gamma   120.00
#
_symmetry.space_group_name_H-M   'P 6'
#
loop_
_entity.id
_entity.type
_entity.pdbx_description
1 polymer 'Outer membrane porin (Fragment)'
2 non-polymer (HYDROXYETHYLOXY)TRI(ETHYLOXY)OCTANE
3 non-polymer 'SODIUM ION'
4 water water
#
_entity_poly.entity_id   1
_entity_poly.type   'polypeptide(L)'
_entity_poly.pdbx_seq_one_letter_code
;QSSVTLYGVLDAGITYQSNVATPSGSGKSLWSVGAGVDQSRFGLRGSEDLGGGLKAIFTLESGFNIGNGRFNNGGGMFNR
QAFVGLSSNYGTVTLGRQYDATQDYLSPLSATGTWGGTYFAHPLNNDRLNTNGDVAVNNTVKFTSANYAGLQFGGTYSFS
NNSQFANNRAYSAGASYQFQGLKVGAAYSQANNAGANTTGATDPLTGFNIGGTNAASIQGRSRVYGAGASYAYGPLQGGL
LWTQSRLDNLANGAPTIRADNYEANVKYNLTPALGLGVAYTYTNAKANGESTHWNQVGVQADYALSKRTDVYAQAVYQRS
SKNANASIYNGDLSTPFSTSINQTAATVGLRHRFHHHHHH
;
_entity_poly.pdbx_strand_id   A
#
loop_
_chem_comp.id
_chem_comp.type
_chem_comp.name
_chem_comp.formula
C8E non-polymer (HYDROXYETHYLOXY)TRI(ETHYLOXY)OCTANE 'C16 H34 O5'
NA non-polymer 'SODIUM ION' 'Na 1'
#
# COMPACT_ATOMS: atom_id res chain seq x y z
N SER A 2 -3.55 -10.45 -27.68
CA SER A 2 -4.57 -9.64 -28.32
C SER A 2 -4.42 -8.16 -27.95
N SER A 3 -3.48 -7.85 -27.05
CA SER A 3 -3.27 -6.49 -26.56
C SER A 3 -2.11 -6.41 -25.58
N VAL A 4 -1.17 -5.49 -25.82
CA VAL A 4 -0.08 -5.19 -24.89
C VAL A 4 -0.05 -3.69 -24.65
N THR A 5 -0.13 -3.28 -23.38
CA THR A 5 -0.24 -1.88 -23.01
C THR A 5 1.00 -1.43 -22.24
N LEU A 6 1.58 -0.32 -22.67
CA LEU A 6 2.62 0.37 -21.91
C LEU A 6 1.95 1.49 -21.15
N TYR A 7 2.35 1.66 -19.89
CA TYR A 7 1.68 2.62 -19.01
C TYR A 7 2.64 3.07 -17.93
N GLY A 8 2.23 4.09 -17.20
CA GLY A 8 3.06 4.61 -16.13
C GLY A 8 2.37 5.73 -15.41
N VAL A 9 2.93 6.08 -14.26
CA VAL A 9 2.46 7.19 -13.44
C VAL A 9 3.69 7.95 -12.96
N LEU A 10 3.70 9.25 -13.19
CA LEU A 10 4.75 10.13 -12.68
C LEU A 10 4.13 11.06 -11.64
N ASP A 11 4.69 11.06 -10.45
CA ASP A 11 4.16 11.84 -9.34
C ASP A 11 5.35 12.51 -8.70
N ALA A 12 5.36 13.85 -8.71
CA ALA A 12 6.44 14.60 -8.11
C ALA A 12 5.82 15.76 -7.35
N GLY A 13 6.33 16.01 -6.15
CA GLY A 13 5.85 17.12 -5.37
C GLY A 13 6.92 17.60 -4.41
N ILE A 14 6.66 18.77 -3.88
CA ILE A 14 7.48 19.38 -2.83
C ILE A 14 6.81 19.11 -1.49
N THR A 15 7.56 18.53 -0.56
CA THR A 15 7.04 18.20 0.75
C THR A 15 7.85 18.92 1.83
N TYR A 16 7.12 19.51 2.77
CA TYR A 16 7.65 20.03 4.02
C TYR A 16 7.24 19.09 5.14
N GLN A 17 8.21 18.60 5.90
CA GLN A 17 7.96 17.89 7.15
C GLN A 17 8.50 18.73 8.29
N SER A 18 7.67 18.95 9.31
CA SER A 18 7.91 20.04 10.25
C SER A 18 9.10 19.75 11.17
N ASN A 19 9.27 18.51 11.58
CA ASN A 19 10.30 18.17 12.55
C ASN A 19 10.82 16.79 12.20
N VAL A 20 12.08 16.73 11.77
CA VAL A 20 12.78 15.48 11.56
C VAL A 20 14.12 15.60 12.27
N ALA A 21 14.46 14.60 13.08
CA ALA A 21 15.69 14.64 13.85
C ALA A 21 16.89 14.76 12.93
N THR A 22 17.84 15.60 13.34
CA THR A 22 19.16 15.66 12.74
C THR A 22 20.15 14.89 13.59
N PRO A 23 21.34 14.59 13.07
CA PRO A 23 22.35 13.90 13.89
C PRO A 23 22.71 14.64 15.17
N SER A 24 22.65 15.97 15.18
CA SER A 24 22.88 16.72 16.42
C SER A 24 21.77 16.52 17.44
N GLY A 25 20.70 15.79 17.12
CA GLY A 25 19.62 15.52 18.05
C GLY A 25 18.52 16.56 18.06
N SER A 26 18.75 17.74 17.50
CA SER A 26 17.69 18.73 17.42
C SER A 26 16.82 18.46 16.20
N GLY A 27 15.58 18.94 16.26
CA GLY A 27 14.61 18.71 15.21
C GLY A 27 14.59 19.89 14.26
N LYS A 28 14.66 19.58 12.97
CA LYS A 28 14.56 20.59 11.93
C LYS A 28 13.58 20.13 10.86
N SER A 29 13.15 21.06 10.03
CA SER A 29 12.23 20.70 8.96
C SER A 29 12.96 19.94 7.87
N LEU A 30 12.26 19.02 7.24
CA LEU A 30 12.76 18.29 6.08
C LEU A 30 12.01 18.79 4.86
N TRP A 31 12.73 19.35 3.90
CA TRP A 31 12.19 19.68 2.59
C TRP A 31 12.66 18.65 1.58
N SER A 32 11.77 18.21 0.71
CA SER A 32 12.12 17.14 -0.21
C SER A 32 11.31 17.26 -1.49
N VAL A 33 11.87 16.72 -2.56
CA VAL A 33 11.16 16.49 -3.81
C VAL A 33 11.04 14.98 -3.98
N GLY A 34 9.82 14.52 -4.27
CA GLY A 34 9.57 13.09 -4.32
C GLY A 34 8.11 12.83 -4.60
N ALA A 35 7.77 11.55 -4.62
CA ALA A 35 6.37 11.16 -4.84
C ALA A 35 5.51 11.71 -3.71
N GLY A 36 4.43 12.39 -4.09
CA GLY A 36 3.46 12.83 -3.10
C GLY A 36 2.41 11.77 -2.82
N VAL A 37 1.57 11.45 -3.81
CA VAL A 37 0.46 10.53 -3.59
C VAL A 37 0.86 9.13 -4.00
N ASP A 38 1.07 8.90 -5.28
CA ASP A 38 1.42 7.57 -5.79
C ASP A 38 2.92 7.47 -6.01
N GLN A 39 3.44 6.26 -5.85
CA GLN A 39 4.81 5.98 -6.27
C GLN A 39 4.90 6.01 -7.79
N SER A 40 5.89 6.70 -8.33
CA SER A 40 6.06 6.68 -9.78
C SER A 40 6.39 5.25 -10.22
N ARG A 41 5.90 4.90 -11.41
CA ARG A 41 6.09 3.56 -11.94
C ARG A 41 5.88 3.58 -13.44
N PHE A 42 6.44 2.57 -14.10
CA PHE A 42 6.11 2.27 -15.49
C PHE A 42 5.87 0.78 -15.58
N GLY A 43 5.11 0.38 -16.60
CA GLY A 43 4.80 -1.03 -16.71
C GLY A 43 4.36 -1.47 -18.09
N LEU A 44 4.34 -2.79 -18.25
CA LEU A 44 3.82 -3.47 -19.42
C LEU A 44 2.80 -4.48 -18.95
N ARG A 45 1.62 -4.48 -19.57
CA ARG A 45 0.58 -5.45 -19.24
C ARG A 45 -0.06 -5.94 -20.53
N GLY A 46 -0.58 -7.16 -20.49
CA GLY A 46 -1.23 -7.70 -21.67
C GLY A 46 -2.19 -8.81 -21.33
N SER A 47 -3.09 -9.08 -22.25
CA SER A 47 -3.97 -10.23 -22.16
C SER A 47 -4.24 -10.75 -23.57
N GLU A 48 -4.12 -12.07 -23.74
CA GLU A 48 -4.40 -12.77 -24.99
C GLU A 48 -5.66 -13.61 -24.86
N ASP A 49 -6.58 -13.44 -25.80
CA ASP A 49 -7.77 -14.30 -25.86
C ASP A 49 -7.37 -15.70 -26.32
N LEU A 50 -7.65 -16.70 -25.48
CA LEU A 50 -7.36 -18.09 -25.80
C LEU A 50 -8.62 -18.91 -26.06
N GLY A 51 -9.76 -18.25 -26.26
CA GLY A 51 -10.99 -18.97 -26.55
C GLY A 51 -11.65 -19.60 -25.33
N GLY A 52 -12.97 -19.62 -25.31
CA GLY A 52 -13.72 -20.27 -24.25
C GLY A 52 -13.67 -19.56 -22.91
N GLY A 53 -13.63 -18.23 -22.91
CA GLY A 53 -13.44 -17.48 -21.69
C GLY A 53 -12.05 -17.53 -21.10
N LEU A 54 -11.11 -18.23 -21.74
CA LEU A 54 -9.75 -18.37 -21.22
C LEU A 54 -8.85 -17.29 -21.79
N LYS A 55 -8.05 -16.67 -20.93
CA LYS A 55 -7.13 -15.61 -21.32
C LYS A 55 -5.78 -15.82 -20.65
N ALA A 56 -4.72 -15.48 -21.39
CA ALA A 56 -3.38 -15.36 -20.82
C ALA A 56 -3.15 -13.90 -20.45
N ILE A 57 -2.66 -13.65 -19.23
CA ILE A 57 -2.44 -12.29 -18.77
C ILE A 57 -1.05 -12.18 -18.15
N PHE A 58 -0.52 -10.96 -18.16
CA PHE A 58 0.75 -10.66 -17.53
C PHE A 58 0.79 -9.18 -17.15
N THR A 59 1.58 -8.88 -16.13
CA THR A 59 1.88 -7.53 -15.71
C THR A 59 3.34 -7.48 -15.29
N LEU A 60 4.07 -6.50 -15.83
CA LEU A 60 5.44 -6.22 -15.44
C LEU A 60 5.46 -4.75 -15.05
N GLU A 61 5.67 -4.46 -13.77
CA GLU A 61 5.51 -3.12 -13.23
C GLU A 61 6.68 -2.76 -12.33
N SER A 62 7.30 -1.63 -12.62
CA SER A 62 8.54 -1.19 -11.98
C SER A 62 8.31 0.15 -11.32
N GLY A 63 8.56 0.22 -10.02
CA GLY A 63 8.46 1.48 -9.30
C GLY A 63 9.83 2.15 -9.18
N PHE A 64 9.80 3.48 -9.15
CA PHE A 64 11.05 4.24 -9.09
C PHE A 64 10.79 5.58 -8.45
N ASN A 65 11.87 6.19 -7.98
CA ASN A 65 11.88 7.52 -7.38
C ASN A 65 12.15 8.56 -8.46
N ILE A 66 11.17 9.42 -8.72
CA ILE A 66 11.34 10.50 -9.70
C ILE A 66 12.42 11.46 -9.26
N GLY A 67 12.68 11.55 -7.95
CA GLY A 67 13.68 12.49 -7.46
C GLY A 67 15.09 12.15 -7.88
N ASN A 68 15.43 10.85 -7.88
CA ASN A 68 16.79 10.42 -8.21
C ASN A 68 16.86 9.35 -9.30
N GLY A 69 15.73 8.97 -9.91
CA GLY A 69 15.72 7.98 -10.98
C GLY A 69 15.98 6.55 -10.57
N ARG A 70 16.14 6.25 -9.27
CA ARG A 70 16.49 4.90 -8.84
C ARG A 70 15.24 4.04 -8.61
N PHE A 71 15.40 2.73 -8.84
CA PHE A 71 14.39 1.78 -8.39
C PHE A 71 14.19 1.91 -6.88
N ASN A 72 12.97 1.66 -6.42
CA ASN A 72 12.77 1.47 -4.99
C ASN A 72 12.12 0.11 -4.78
N ASN A 73 11.42 -0.07 -3.66
CA ASN A 73 10.74 -1.35 -3.35
C ASN A 73 11.73 -2.50 -3.34
N GLY A 74 12.92 -2.28 -2.80
CA GLY A 74 13.96 -3.28 -2.74
C GLY A 74 14.99 -3.19 -3.84
N GLY A 75 14.71 -2.45 -4.93
CA GLY A 75 15.73 -2.13 -5.91
C GLY A 75 15.79 -3.01 -7.14
N GLY A 76 14.95 -4.04 -7.26
CA GLY A 76 14.95 -4.87 -8.44
C GLY A 76 14.31 -4.17 -9.63
N MET A 77 14.31 -4.86 -10.77
CA MET A 77 13.70 -4.32 -11.99
C MET A 77 12.18 -4.17 -11.85
N PHE A 78 11.44 -5.28 -11.86
CA PHE A 78 9.99 -5.23 -11.72
C PHE A 78 9.62 -5.39 -10.24
N ASN A 79 9.91 -4.33 -9.48
CA ASN A 79 9.86 -4.33 -8.02
C ASN A 79 8.46 -4.12 -7.46
N ARG A 80 7.46 -3.80 -8.29
CA ARG A 80 6.08 -3.73 -7.82
C ARG A 80 5.32 -5.03 -8.11
N GLN A 81 5.24 -5.42 -9.38
CA GLN A 81 4.61 -6.67 -9.75
C GLN A 81 5.32 -7.25 -10.97
N ALA A 82 5.47 -8.57 -10.99
CA ALA A 82 5.94 -9.28 -12.18
C ALA A 82 5.28 -10.65 -12.17
N PHE A 83 4.28 -10.85 -13.01
CA PHE A 83 3.59 -12.13 -12.98
C PHE A 83 2.99 -12.45 -14.35
N VAL A 84 2.68 -13.73 -14.51
CA VAL A 84 2.03 -14.26 -15.70
C VAL A 84 0.99 -15.27 -15.24
N GLY A 85 -0.09 -15.39 -16.00
CA GLY A 85 -1.11 -16.32 -15.55
C GLY A 85 -2.21 -16.55 -16.55
N LEU A 86 -3.20 -17.34 -16.13
CA LEU A 86 -4.34 -17.70 -16.96
C LEU A 86 -5.61 -17.29 -16.23
N SER A 87 -6.51 -16.63 -16.95
CA SER A 87 -7.81 -16.23 -16.44
C SER A 87 -8.90 -16.99 -17.19
N SER A 88 -9.87 -17.51 -16.44
CA SER A 88 -10.97 -18.27 -17.01
C SER A 88 -12.26 -17.85 -16.33
N ASN A 89 -13.36 -18.49 -16.75
CA ASN A 89 -14.66 -18.23 -16.12
C ASN A 89 -14.70 -18.74 -14.68
N TYR A 90 -13.81 -19.66 -14.33
CA TYR A 90 -13.79 -20.24 -12.99
C TYR A 90 -12.73 -19.65 -12.07
N GLY A 91 -12.10 -18.55 -12.46
CA GLY A 91 -11.09 -17.92 -11.64
C GLY A 91 -9.78 -17.72 -12.39
N THR A 92 -8.83 -17.10 -11.69
CA THR A 92 -7.55 -16.70 -12.24
C THR A 92 -6.43 -17.30 -11.39
N VAL A 93 -5.40 -17.83 -12.04
CA VAL A 93 -4.18 -18.25 -11.38
C VAL A 93 -3.01 -17.48 -11.98
N THR A 94 -2.22 -16.82 -11.12
CA THR A 94 -1.08 -16.04 -11.58
C THR A 94 0.14 -16.40 -10.75
N LEU A 95 1.31 -16.31 -11.39
CA LEU A 95 2.60 -16.72 -10.82
C LEU A 95 3.62 -15.60 -10.96
N GLY A 96 4.30 -15.26 -9.87
CA GLY A 96 5.41 -14.33 -9.87
C GLY A 96 5.38 -13.47 -8.63
N ARG A 97 6.02 -12.30 -8.72
CA ARG A 97 6.06 -11.33 -7.63
C ARG A 97 4.76 -10.52 -7.64
N GLN A 98 4.01 -10.59 -6.54
CA GLN A 98 2.64 -10.13 -6.53
C GLN A 98 2.32 -9.51 -5.18
N TYR A 99 1.39 -8.56 -5.17
CA TYR A 99 0.77 -8.13 -3.93
C TYR A 99 -0.14 -9.24 -3.40
N ASP A 100 -0.34 -9.27 -2.08
CA ASP A 100 -1.10 -10.36 -1.48
C ASP A 100 -2.53 -9.90 -1.13
N ALA A 101 -3.27 -10.75 -0.41
CA ALA A 101 -4.68 -10.50 -0.16
C ALA A 101 -4.93 -9.23 0.65
N THR A 102 -3.98 -8.86 1.52
CA THR A 102 -4.05 -7.58 2.21
C THR A 102 -4.19 -6.44 1.22
N GLN A 103 -3.44 -6.50 0.13
CA GLN A 103 -3.48 -5.41 -0.82
C GLN A 103 -4.72 -5.50 -1.71
N ASP A 104 -5.17 -6.71 -2.01
CA ASP A 104 -6.29 -6.87 -2.94
C ASP A 104 -7.62 -6.51 -2.29
N TYR A 105 -7.77 -6.73 -0.98
CA TYR A 105 -9.08 -6.66 -0.34
C TYR A 105 -9.19 -5.62 0.77
N LEU A 106 -8.08 -5.19 1.36
CA LEU A 106 -8.12 -4.16 2.41
C LEU A 106 -7.67 -2.80 1.92
N SER A 107 -6.58 -2.72 1.16
CA SER A 107 -6.09 -1.43 0.68
C SER A 107 -7.16 -0.58 -0.02
N PRO A 108 -8.04 -1.11 -0.87
CA PRO A 108 -9.08 -0.26 -1.47
C PRO A 108 -10.03 0.38 -0.47
N LEU A 109 -10.05 -0.06 0.79
CA LEU A 109 -10.89 0.56 1.81
C LEU A 109 -10.18 1.66 2.59
N SER A 110 -8.92 1.94 2.27
CA SER A 110 -8.13 2.92 3.01
C SER A 110 -7.85 4.14 2.14
N ALA A 111 -7.65 5.28 2.79
CA ALA A 111 -7.19 6.46 2.07
C ALA A 111 -5.81 6.23 1.46
N THR A 112 -4.90 5.59 2.19
CA THR A 112 -3.54 5.41 1.68
C THR A 112 -3.53 4.53 0.43
N GLY A 113 -4.49 3.61 0.31
CA GLY A 113 -4.55 2.75 -0.86
C GLY A 113 -5.39 3.29 -1.99
N THR A 114 -6.01 4.46 -1.81
CA THR A 114 -6.84 5.06 -2.86
C THR A 114 -6.39 6.49 -3.11
N TRP A 115 -7.18 7.48 -2.71
CA TRP A 115 -6.91 8.87 -3.08
C TRP A 115 -5.80 9.51 -2.23
N GLY A 116 -5.52 9.00 -1.04
CA GLY A 116 -4.55 9.63 -0.16
C GLY A 116 -3.09 9.29 -0.44
N GLY A 117 -2.78 8.02 -0.65
CA GLY A 117 -1.42 7.61 -0.97
C GLY A 117 -0.46 7.63 0.22
N THR A 118 0.80 7.96 -0.08
CA THR A 118 1.95 7.75 0.80
C THR A 118 1.76 8.32 2.20
N TYR A 119 1.54 9.63 2.30
CA TYR A 119 1.52 10.29 3.61
C TYR A 119 0.26 10.01 4.41
N PHE A 120 -0.72 9.33 3.81
CA PHE A 120 -1.87 8.84 4.56
C PHE A 120 -1.67 7.43 5.08
N ALA A 121 -0.51 6.82 4.83
CA ALA A 121 -0.23 5.50 5.36
C ALA A 121 -0.27 5.51 6.89
N HIS A 122 -0.49 4.32 7.45
CA HIS A 122 -0.44 4.19 8.89
C HIS A 122 1.02 4.20 9.35
N PRO A 123 1.27 4.44 10.65
CA PRO A 123 2.66 4.58 11.13
C PRO A 123 3.57 3.44 10.66
N LEU A 124 4.71 3.81 10.09
CA LEU A 124 5.71 2.88 9.56
C LEU A 124 5.12 1.96 8.50
N ASN A 125 4.00 2.34 7.88
CA ASN A 125 3.28 1.47 6.97
C ASN A 125 3.08 0.09 7.57
N ASN A 126 2.77 0.07 8.87
CA ASN A 126 2.92 -1.15 9.65
C ASN A 126 2.03 -2.29 9.16
N ASP A 127 0.89 -1.96 8.55
CA ASP A 127 -0.02 -2.99 8.05
C ASP A 127 0.15 -3.25 6.55
N ARG A 128 1.19 -2.68 5.93
CA ARG A 128 1.53 -2.97 4.53
CA ARG A 128 1.54 -2.94 4.52
C ARG A 128 0.43 -2.53 3.56
N LEU A 129 -0.39 -1.55 3.93
CA LEU A 129 -1.48 -1.11 3.06
C LEU A 129 -1.01 -0.24 1.91
N ASN A 130 0.05 0.54 2.10
CA ASN A 130 0.55 1.42 1.06
C ASN A 130 1.66 0.72 0.26
N THR A 131 1.64 0.91 -1.06
CA THR A 131 2.61 0.29 -1.96
C THR A 131 3.76 1.22 -2.38
N ASN A 132 3.85 2.43 -1.81
CA ASN A 132 5.10 3.20 -1.89
C ASN A 132 6.04 2.68 -0.80
N GLY A 133 6.52 1.48 -1.05
CA GLY A 133 7.15 0.63 -0.06
C GLY A 133 7.17 -0.80 -0.55
N ASP A 134 8.11 -1.57 -0.02
CA ASP A 134 8.34 -2.93 -0.50
C ASP A 134 7.38 -3.92 0.17
N VAL A 135 6.16 -4.01 -0.38
CA VAL A 135 5.12 -4.86 0.21
C VAL A 135 4.72 -6.03 -0.67
N ALA A 136 5.26 -6.14 -1.89
CA ALA A 136 4.96 -7.31 -2.72
C ALA A 136 5.65 -8.56 -2.16
N VAL A 137 5.15 -9.74 -2.55
CA VAL A 137 5.74 -11.01 -2.11
C VAL A 137 6.23 -11.78 -3.33
N ASN A 138 7.43 -12.35 -3.20
CA ASN A 138 8.09 -13.11 -4.25
C ASN A 138 7.56 -14.53 -4.32
N ASN A 139 7.73 -15.14 -5.49
CA ASN A 139 7.54 -16.58 -5.66
C ASN A 139 6.11 -16.99 -5.37
N THR A 140 5.16 -16.15 -5.77
CA THR A 140 3.79 -16.27 -5.33
C THR A 140 2.93 -16.98 -6.36
N VAL A 141 2.14 -17.96 -5.90
CA VAL A 141 1.00 -18.48 -6.64
C VAL A 141 -0.25 -17.83 -6.05
N LYS A 142 -1.05 -17.18 -6.90
CA LYS A 142 -2.26 -16.50 -6.47
C LYS A 142 -3.46 -17.06 -7.20
N PHE A 143 -4.52 -17.38 -6.46
CA PHE A 143 -5.83 -17.68 -7.02
C PHE A 143 -6.81 -16.56 -6.69
N THR A 144 -7.54 -16.10 -7.70
CA THR A 144 -8.62 -15.13 -7.53
C THR A 144 -9.87 -15.76 -8.16
N SER A 145 -10.95 -15.82 -7.39
CA SER A 145 -12.17 -16.47 -7.84
C SER A 145 -12.87 -15.63 -8.89
N ALA A 146 -13.86 -16.22 -9.54
CA ALA A 146 -14.77 -15.43 -10.35
C ALA A 146 -15.72 -14.67 -9.44
N ASN A 147 -16.44 -13.71 -10.03
CA ASN A 147 -17.43 -12.96 -9.26
C ASN A 147 -18.68 -13.81 -9.10
N TYR A 148 -19.01 -14.16 -7.86
CA TYR A 148 -20.24 -14.91 -7.53
C TYR A 148 -21.23 -13.91 -6.93
N ALA A 149 -21.86 -13.13 -7.81
CA ALA A 149 -22.92 -12.19 -7.42
C ALA A 149 -22.39 -11.16 -6.43
N GLY A 150 -21.24 -10.57 -6.75
CA GLY A 150 -20.62 -9.58 -5.89
C GLY A 150 -19.64 -10.13 -4.88
N LEU A 151 -19.57 -11.45 -4.69
CA LEU A 151 -18.58 -12.04 -3.81
C LEU A 151 -17.37 -12.46 -4.62
N GLN A 152 -16.18 -12.01 -4.18
CA GLN A 152 -14.89 -12.46 -4.72
C GLN A 152 -13.99 -12.86 -3.57
N PHE A 153 -13.17 -13.88 -3.80
CA PHE A 153 -12.24 -14.33 -2.78
C PHE A 153 -11.01 -14.90 -3.45
N GLY A 154 -9.97 -15.08 -2.65
CA GLY A 154 -8.78 -15.73 -3.16
C GLY A 154 -7.67 -15.71 -2.14
N GLY A 155 -6.50 -16.13 -2.60
CA GLY A 155 -5.36 -16.19 -1.69
C GLY A 155 -4.09 -16.47 -2.44
N THR A 156 -3.02 -16.57 -1.67
CA THR A 156 -1.66 -16.65 -2.18
C THR A 156 -0.88 -17.64 -1.34
N TYR A 157 0.06 -18.33 -1.99
CA TYR A 157 1.15 -18.94 -1.27
C TYR A 157 2.45 -18.48 -1.92
N SER A 158 3.40 -18.06 -1.09
CA SER A 158 4.67 -17.49 -1.55
C SER A 158 5.81 -18.37 -1.08
N PHE A 159 6.47 -19.06 -2.01
CA PHE A 159 7.46 -20.07 -1.69
C PHE A 159 8.77 -19.44 -1.23
N SER A 160 9.49 -20.20 -0.40
CA SER A 160 10.81 -19.79 0.08
C SER A 160 11.90 -20.00 -0.97
N ASN A 161 11.65 -20.83 -1.98
CA ASN A 161 12.60 -21.13 -3.03
C ASN A 161 13.93 -21.65 -2.48
N ASN A 162 13.91 -22.29 -1.30
CA ASN A 162 15.11 -22.92 -0.77
C ASN A 162 14.72 -24.16 0.02
N SER A 163 15.73 -24.99 0.31
CA SER A 163 15.46 -26.32 0.85
C SER A 163 14.81 -26.28 2.23
N GLN A 164 14.87 -25.14 2.92
CA GLN A 164 14.09 -24.92 4.15
C GLN A 164 12.76 -24.32 3.75
N PHE A 165 11.70 -25.14 3.79
CA PHE A 165 10.41 -24.76 3.23
C PHE A 165 9.78 -23.58 3.96
N ALA A 166 10.00 -23.46 5.27
CA ALA A 166 9.38 -22.40 6.05
C ALA A 166 10.28 -21.18 6.22
N ASN A 167 11.47 -21.19 5.65
CA ASN A 167 12.46 -20.13 5.87
C ASN A 167 12.29 -19.02 4.82
N ASN A 168 11.49 -18.00 5.16
CA ASN A 168 11.12 -16.86 4.34
C ASN A 168 10.07 -17.23 3.31
N ARG A 169 8.87 -17.57 3.78
CA ARG A 169 7.73 -17.82 2.93
C ARG A 169 6.54 -17.02 3.47
N ALA A 170 5.44 -17.02 2.73
CA ALA A 170 4.26 -16.27 3.12
C ALA A 170 3.03 -16.88 2.49
N TYR A 171 1.87 -16.51 3.02
CA TYR A 171 0.61 -16.87 2.38
C TYR A 171 -0.43 -15.87 2.86
N SER A 172 -1.59 -15.89 2.21
CA SER A 172 -2.64 -14.94 2.55
C SER A 172 -3.96 -15.44 1.99
N ALA A 173 -5.04 -14.86 2.50
CA ALA A 173 -6.38 -15.12 1.99
C ALA A 173 -7.25 -13.90 2.28
N GLY A 174 -8.22 -13.67 1.40
CA GLY A 174 -9.10 -12.54 1.58
C GLY A 174 -10.35 -12.73 0.77
N ALA A 175 -11.32 -11.85 1.04
CA ALA A 175 -12.60 -11.88 0.34
C ALA A 175 -13.20 -10.49 0.35
N SER A 176 -14.00 -10.19 -0.68
CA SER A 176 -14.73 -8.94 -0.75
C SER A 176 -16.17 -9.19 -1.18
N TYR A 177 -17.04 -8.24 -0.83
CA TYR A 177 -18.43 -8.25 -1.27
C TYR A 177 -18.79 -6.84 -1.74
N GLN A 178 -19.31 -6.73 -2.95
CA GLN A 178 -19.63 -5.45 -3.58
C GLN A 178 -21.06 -5.44 -4.07
N PHE A 179 -21.74 -4.32 -3.87
CA PHE A 179 -23.12 -4.17 -4.33
C PHE A 179 -23.43 -2.67 -4.38
N GLN A 180 -23.56 -2.14 -5.60
CA GLN A 180 -24.07 -0.79 -5.85
C GLN A 180 -23.47 0.26 -4.90
N GLY A 181 -22.15 0.37 -4.92
CA GLY A 181 -21.47 1.37 -4.13
C GLY A 181 -21.02 0.92 -2.76
N LEU A 182 -21.57 -0.17 -2.24
CA LEU A 182 -21.10 -0.75 -0.99
C LEU A 182 -19.98 -1.74 -1.27
N LYS A 183 -18.91 -1.65 -0.48
CA LYS A 183 -17.80 -2.59 -0.59
C LYS A 183 -17.42 -3.03 0.82
N VAL A 184 -17.28 -4.34 1.00
CA VAL A 184 -16.82 -4.94 2.25
C VAL A 184 -15.61 -5.81 1.94
N GLY A 185 -14.61 -5.80 2.81
CA GLY A 185 -13.43 -6.61 2.61
C GLY A 185 -12.85 -7.10 3.91
N ALA A 186 -12.20 -8.27 3.84
CA ALA A 186 -11.50 -8.84 4.97
C ALA A 186 -10.33 -9.65 4.43
N ALA A 187 -9.24 -9.72 5.18
CA ALA A 187 -8.04 -10.37 4.68
C ALA A 187 -7.15 -10.80 5.84
N TYR A 188 -6.29 -11.77 5.55
CA TYR A 188 -5.37 -12.33 6.52
C TYR A 188 -4.10 -12.73 5.79
N SER A 189 -2.95 -12.35 6.32
CA SER A 189 -1.67 -12.64 5.69
C SER A 189 -0.65 -13.01 6.76
N GLN A 190 0.18 -14.00 6.46
CA GLN A 190 1.18 -14.48 7.40
C GLN A 190 2.49 -14.72 6.65
N ALA A 191 3.60 -14.31 7.26
CA ALA A 191 4.94 -14.62 6.77
C ALA A 191 5.74 -15.29 7.88
N ASN A 192 6.59 -16.23 7.49
CA ASN A 192 7.53 -16.88 8.40
C ASN A 192 8.96 -16.55 7.97
N ASN A 193 9.73 -15.99 8.90
CA ASN A 193 11.14 -15.64 8.66
C ASN A 193 11.28 -14.64 7.52
N ALA A 194 10.41 -13.62 7.52
CA ALA A 194 10.39 -12.64 6.44
C ALA A 194 11.73 -11.93 6.33
N GLY A 195 12.27 -11.89 5.11
CA GLY A 195 13.51 -11.19 4.84
C GLY A 195 14.76 -11.92 5.25
N ALA A 196 14.65 -13.20 5.65
CA ALA A 196 15.79 -13.93 6.17
C ALA A 196 16.78 -14.34 5.08
N ASN A 197 16.45 -14.19 3.81
CA ASN A 197 17.36 -14.58 2.74
C ASN A 197 16.93 -13.86 1.46
N THR A 198 17.68 -14.12 0.40
CA THR A 198 17.46 -13.50 -0.90
C THR A 198 16.60 -14.34 -1.84
N THR A 199 16.30 -15.58 -1.47
CA THR A 199 15.52 -16.47 -2.31
C THR A 199 14.03 -16.45 -2.00
N GLY A 200 13.64 -16.04 -0.79
CA GLY A 200 12.31 -16.26 -0.28
C GLY A 200 11.31 -15.17 -0.63
N ALA A 201 10.17 -15.24 0.07
CA ALA A 201 8.98 -14.47 -0.30
C ALA A 201 9.16 -12.99 -0.05
N THR A 202 9.79 -12.61 1.06
CA THR A 202 9.93 -11.21 1.44
C THR A 202 11.39 -10.78 1.30
N ASP A 203 11.62 -9.67 0.60
CA ASP A 203 12.96 -9.12 0.43
C ASP A 203 13.59 -8.80 1.78
N PRO A 204 14.91 -8.93 1.92
CA PRO A 204 15.58 -8.43 3.13
C PRO A 204 15.20 -6.99 3.42
N LEU A 205 15.17 -6.66 4.71
CA LEU A 205 14.66 -5.41 5.31
C LEU A 205 13.15 -5.55 5.52
N GLN A 219 14.38 -14.31 13.20
CA GLN A 219 13.12 -13.61 13.01
C GLN A 219 11.98 -14.41 13.67
N GLY A 220 11.00 -14.81 12.91
CA GLY A 220 9.78 -15.39 13.45
C GLY A 220 8.60 -15.10 12.53
N ARG A 221 7.43 -14.92 13.13
CA ARG A 221 6.16 -14.90 12.40
C ARG A 221 5.58 -13.49 12.38
N SER A 222 5.26 -13.02 11.19
CA SER A 222 4.67 -11.70 10.99
C SER A 222 3.30 -11.84 10.32
N ARG A 223 2.31 -11.11 10.85
CA ARG A 223 0.95 -11.26 10.36
C ARG A 223 0.27 -9.91 10.22
N VAL A 224 -0.59 -9.82 9.22
CA VAL A 224 -1.49 -8.69 9.02
C VAL A 224 -2.88 -9.25 8.78
N TYR A 225 -3.88 -8.70 9.45
CA TYR A 225 -5.25 -9.05 9.12
C TYR A 225 -6.12 -7.82 9.39
N GLY A 226 -7.32 -7.84 8.84
CA GLY A 226 -8.16 -6.67 8.96
C GLY A 226 -9.48 -6.86 8.25
N ALA A 227 -10.34 -5.87 8.42
CA ALA A 227 -11.65 -5.89 7.80
C ALA A 227 -12.20 -4.47 7.79
N GLY A 228 -13.05 -4.19 6.82
CA GLY A 228 -13.59 -2.86 6.69
C GLY A 228 -14.73 -2.85 5.68
N ALA A 229 -15.22 -1.64 5.45
CA ALA A 229 -16.30 -1.43 4.51
C ALA A 229 -16.26 0.01 4.05
N SER A 230 -16.75 0.26 2.84
CA SER A 230 -16.85 1.60 2.30
C SER A 230 -18.12 1.70 1.47
N TYR A 231 -18.56 2.94 1.26
CA TYR A 231 -19.76 3.21 0.48
C TYR A 231 -19.53 4.43 -0.38
N ALA A 232 -19.97 4.34 -1.64
CA ALA A 232 -19.90 5.44 -2.59
C ALA A 232 -21.26 5.66 -3.21
N TYR A 233 -21.66 6.92 -3.32
CA TYR A 233 -22.84 7.31 -4.09
C TYR A 233 -22.70 8.77 -4.48
N GLY A 234 -22.85 9.05 -5.77
CA GLY A 234 -22.73 10.39 -6.27
C GLY A 234 -21.33 10.96 -6.05
N PRO A 235 -21.25 12.18 -5.51
CA PRO A 235 -19.96 12.82 -5.27
C PRO A 235 -19.32 12.45 -3.94
N LEU A 236 -19.91 11.56 -3.17
CA LEU A 236 -19.49 11.28 -1.81
C LEU A 236 -19.07 9.83 -1.69
N GLN A 237 -17.96 9.60 -0.98
CA GLN A 237 -17.50 8.25 -0.69
C GLN A 237 -16.81 8.26 0.67
N GLY A 238 -16.90 7.15 1.39
CA GLY A 238 -16.24 7.05 2.68
C GLY A 238 -16.19 5.62 3.14
N GLY A 239 -15.39 5.39 4.18
CA GLY A 239 -15.25 4.03 4.68
C GLY A 239 -14.59 3.97 6.04
N LEU A 240 -14.64 2.77 6.61
CA LEU A 240 -14.03 2.43 7.89
C LEU A 240 -13.18 1.19 7.69
N LEU A 241 -12.06 1.13 8.39
CA LEU A 241 -11.14 0.00 8.20
C LEU A 241 -10.38 -0.26 9.48
N TRP A 242 -10.31 -1.53 9.88
CA TRP A 242 -9.47 -1.97 10.97
C TRP A 242 -8.43 -2.93 10.43
N THR A 243 -7.18 -2.75 10.87
CA THR A 243 -6.12 -3.70 10.57
C THR A 243 -5.29 -3.93 11.83
N GLN A 244 -4.73 -5.13 11.93
CA GLN A 244 -3.72 -5.42 12.94
C GLN A 244 -2.51 -6.04 12.27
N SER A 245 -1.33 -5.54 12.64
CA SER A 245 -0.05 -6.14 12.30
C SER A 245 0.57 -6.71 13.57
N ARG A 246 1.18 -7.88 13.45
CA ARG A 246 1.64 -8.60 14.63
C ARG A 246 2.94 -9.34 14.30
N LEU A 247 3.93 -9.17 15.17
CA LEU A 247 5.16 -9.95 15.15
C LEU A 247 5.18 -10.82 16.41
N ASP A 248 5.24 -12.14 16.23
CA ASP A 248 5.34 -13.06 17.37
C ASP A 248 6.23 -14.23 16.99
N ASN A 249 6.31 -15.22 17.88
CA ASN A 249 7.17 -16.40 17.70
C ASN A 249 8.63 -16.00 17.49
N LEU A 250 9.09 -14.95 18.16
CA LEU A 250 10.42 -14.41 17.90
C LEU A 250 11.51 -15.15 18.68
N GLY A 253 13.47 -15.40 22.27
CA GLY A 253 12.40 -15.14 23.22
C GLY A 253 12.00 -13.68 23.32
N ALA A 254 12.15 -12.95 22.21
CA ALA A 254 11.78 -11.54 22.18
C ALA A 254 10.26 -11.39 22.39
N PRO A 255 9.82 -10.24 22.91
CA PRO A 255 8.39 -10.10 23.22
C PRO A 255 7.58 -9.77 21.97
N THR A 256 6.37 -10.35 21.91
CA THR A 256 5.44 -10.08 20.83
C THR A 256 5.15 -8.58 20.71
N ILE A 257 5.14 -8.09 19.47
CA ILE A 257 4.73 -6.73 19.15
C ILE A 257 3.46 -6.80 18.33
N ARG A 258 2.49 -5.94 18.66
CA ARG A 258 1.28 -5.86 17.84
C ARG A 258 0.82 -4.41 17.74
N ALA A 259 0.28 -4.07 16.58
CA ALA A 259 -0.21 -2.73 16.30
C ALA A 259 -1.60 -2.84 15.67
N ASP A 260 -2.56 -2.10 16.21
CA ASP A 260 -3.91 -2.02 15.66
C ASP A 260 -4.13 -0.65 15.06
N ASN A 261 -4.76 -0.61 13.89
CA ASN A 261 -5.02 0.62 13.17
C ASN A 261 -6.51 0.73 12.91
N TYR A 262 -7.08 1.89 13.23
CA TYR A 262 -8.51 2.15 13.05
C TYR A 262 -8.62 3.42 12.22
N GLU A 263 -9.16 3.30 11.01
CA GLU A 263 -9.21 4.42 10.09
C GLU A 263 -10.64 4.71 9.65
N ALA A 264 -10.95 5.99 9.54
CA ALA A 264 -12.14 6.49 8.86
C ALA A 264 -11.68 7.46 7.78
N ASN A 265 -12.30 7.39 6.60
CA ASN A 265 -11.98 8.30 5.52
C ASN A 265 -13.25 8.70 4.78
N VAL A 266 -13.20 9.87 4.15
CA VAL A 266 -14.30 10.40 3.36
C VAL A 266 -13.69 11.26 2.26
N LYS A 267 -14.26 11.17 1.06
CA LYS A 267 -13.86 12.00 -0.06
C LYS A 267 -15.11 12.59 -0.71
N TYR A 268 -15.06 13.87 -1.04
CA TYR A 268 -16.20 14.54 -1.65
C TYR A 268 -15.73 15.33 -2.86
N ASN A 269 -16.41 15.12 -3.99
CA ASN A 269 -16.12 15.84 -5.23
C ASN A 269 -16.92 17.14 -5.24
N LEU A 270 -16.26 18.24 -4.91
CA LEU A 270 -16.88 19.56 -5.00
C LEU A 270 -17.38 19.82 -6.42
N THR A 271 -16.53 19.59 -7.39
CA THR A 271 -16.84 19.68 -8.81
C THR A 271 -16.41 18.36 -9.42
N PRO A 272 -16.70 18.12 -10.69
CA PRO A 272 -16.15 16.93 -11.34
C PRO A 272 -14.63 16.91 -11.40
N ALA A 273 -13.97 18.04 -11.19
CA ALA A 273 -12.52 18.09 -11.27
C ALA A 273 -11.84 18.36 -9.93
N LEU A 274 -12.58 18.62 -8.86
CA LEU A 274 -11.99 18.96 -7.57
C LEU A 274 -12.50 18.01 -6.50
N GLY A 275 -11.63 17.15 -6.00
CA GLY A 275 -11.94 16.27 -4.88
C GLY A 275 -11.26 16.77 -3.62
N LEU A 276 -11.99 16.72 -2.50
CA LEU A 276 -11.37 16.88 -1.19
C LEU A 276 -11.60 15.63 -0.36
N GLY A 277 -10.51 15.14 0.23
CA GLY A 277 -10.57 13.95 1.07
C GLY A 277 -10.06 14.29 2.46
N VAL A 278 -10.64 13.61 3.45
CA VAL A 278 -10.19 13.70 4.83
C VAL A 278 -10.06 12.28 5.34
N ALA A 279 -8.99 12.02 6.10
CA ALA A 279 -8.82 10.71 6.72
C ALA A 279 -8.34 10.91 8.15
N TYR A 280 -8.74 10.00 9.02
CA TYR A 280 -8.26 9.97 10.38
C TYR A 280 -7.90 8.53 10.72
N THR A 281 -6.77 8.34 11.39
CA THR A 281 -6.34 7.02 11.82
C THR A 281 -5.83 7.08 13.25
N TYR A 282 -6.30 6.15 14.07
CA TYR A 282 -5.74 5.90 15.39
C TYR A 282 -4.97 4.59 15.34
N THR A 283 -3.73 4.62 15.82
CA THR A 283 -2.86 3.45 15.84
C THR A 283 -2.38 3.22 17.27
N ASN A 284 -2.45 1.97 17.72
CA ASN A 284 -2.06 1.62 19.08
C ASN A 284 -1.17 0.39 19.03
N ALA A 285 0.08 0.54 19.44
CA ALA A 285 1.07 -0.54 19.43
C ALA A 285 1.36 -0.97 20.86
N LYS A 286 1.46 -2.28 21.06
CA LYS A 286 1.68 -2.84 22.38
C LYS A 286 2.82 -3.83 22.31
N ALA A 287 3.68 -3.82 23.33
CA ALA A 287 4.80 -4.74 23.43
C ALA A 287 5.22 -4.84 24.88
N ASN A 288 5.29 -6.07 25.40
CA ASN A 288 5.86 -6.34 26.72
C ASN A 288 5.20 -5.50 27.82
N GLY A 289 3.88 -5.36 27.74
CA GLY A 289 3.13 -4.65 28.76
C GLY A 289 3.06 -3.15 28.60
N GLU A 290 3.77 -2.57 27.64
CA GLU A 290 3.76 -1.14 27.39
C GLU A 290 3.01 -0.82 26.10
N SER A 291 2.59 0.42 25.97
CA SER A 291 1.73 0.82 24.87
C SER A 291 2.13 2.21 24.38
N THR A 292 2.10 2.38 23.06
CA THR A 292 2.26 3.67 22.42
C THR A 292 1.11 3.85 21.44
N HIS A 293 0.79 5.11 21.13
CA HIS A 293 -0.29 5.34 20.19
C HIS A 293 -0.02 6.61 19.39
N TRP A 294 -0.68 6.68 18.23
CA TRP A 294 -0.59 7.81 17.32
C TRP A 294 -1.99 8.19 16.84
N ASN A 295 -2.23 9.50 16.76
CA ASN A 295 -3.42 10.05 16.11
C ASN A 295 -2.96 10.80 14.87
N GLN A 296 -3.59 10.50 13.74
CA GLN A 296 -3.22 11.11 12.46
C GLN A 296 -4.46 11.57 11.72
N VAL A 297 -4.41 12.80 11.23
CA VAL A 297 -5.49 13.35 10.42
C VAL A 297 -4.86 14.06 9.24
N GLY A 298 -5.50 13.94 8.08
CA GLY A 298 -4.99 14.59 6.88
C GLY A 298 -6.13 15.07 6.01
N VAL A 299 -5.84 16.11 5.22
CA VAL A 299 -6.77 16.66 4.25
C VAL A 299 -6.04 16.84 2.93
N GLN A 300 -6.68 16.49 1.83
CA GLN A 300 -6.09 16.60 0.50
C GLN A 300 -7.10 17.22 -0.47
N ALA A 301 -6.64 18.24 -1.19
CA ALA A 301 -7.38 18.82 -2.30
C ALA A 301 -6.69 18.41 -3.59
N ASP A 302 -7.45 17.83 -4.51
CA ASP A 302 -6.91 17.26 -5.74
C ASP A 302 -7.71 17.79 -6.91
N TYR A 303 -7.02 18.40 -7.87
CA TYR A 303 -7.63 19.11 -8.99
C TYR A 303 -7.18 18.49 -10.30
N ALA A 304 -8.11 17.91 -11.04
CA ALA A 304 -7.80 17.28 -12.32
C ALA A 304 -7.76 18.32 -13.43
N LEU A 305 -6.59 18.49 -14.05
CA LEU A 305 -6.50 19.30 -15.27
C LEU A 305 -6.93 18.54 -16.51
N SER A 306 -6.87 17.22 -16.47
CA SER A 306 -7.33 16.36 -17.56
C SER A 306 -7.57 14.98 -16.96
N LYS A 307 -7.98 14.04 -17.81
CA LYS A 307 -8.10 12.65 -17.36
C LYS A 307 -6.75 12.08 -16.94
N ARG A 308 -5.64 12.63 -17.44
CA ARG A 308 -4.32 12.10 -17.16
C ARG A 308 -3.50 12.89 -16.14
N THR A 309 -3.84 14.16 -15.90
CA THR A 309 -2.99 15.04 -15.11
C THR A 309 -3.79 15.67 -13.99
N ASP A 310 -3.24 15.67 -12.78
CA ASP A 310 -3.87 16.38 -11.67
C ASP A 310 -2.77 17.04 -10.85
N VAL A 311 -3.14 18.15 -10.20
CA VAL A 311 -2.32 18.80 -9.19
C VAL A 311 -3.02 18.67 -7.85
N TYR A 312 -2.25 18.48 -6.79
CA TYR A 312 -2.83 18.24 -5.49
C TYR A 312 -2.11 19.08 -4.44
N ALA A 313 -2.80 19.29 -3.33
CA ALA A 313 -2.24 19.94 -2.16
C ALA A 313 -2.82 19.25 -0.93
N GLN A 314 -1.97 18.97 0.06
CA GLN A 314 -2.44 18.24 1.23
C GLN A 314 -1.62 18.64 2.44
N ALA A 315 -2.19 18.36 3.61
CA ALA A 315 -1.51 18.53 4.88
C ALA A 315 -1.93 17.40 5.79
N VAL A 316 -0.95 16.82 6.48
CA VAL A 316 -1.19 15.72 7.40
C VAL A 316 -0.58 16.11 8.75
N TYR A 317 -1.26 15.74 9.82
CA TYR A 317 -0.78 16.03 11.16
C TYR A 317 -0.87 14.77 12.00
N GLN A 318 0.18 14.51 12.77
CA GLN A 318 0.25 13.33 13.61
C GLN A 318 0.74 13.72 14.99
N ARG A 319 0.07 13.19 16.02
CA ARG A 319 0.53 13.33 17.39
C ARG A 319 0.65 11.95 18.01
N SER A 320 1.80 11.69 18.64
CA SER A 320 2.04 10.44 19.33
C SER A 320 1.82 10.61 20.82
N SER A 321 1.69 9.48 21.51
CA SER A 321 1.75 9.47 22.96
C SER A 321 3.08 10.06 23.43
N LYS A 322 3.12 10.45 24.71
CA LYS A 322 4.28 11.15 25.25
C LYS A 322 5.48 10.24 25.47
N ASN A 323 5.28 8.92 25.48
CA ASN A 323 6.39 7.97 25.52
C ASN A 323 6.90 7.60 24.13
N ALA A 324 6.51 8.35 23.09
CA ALA A 324 6.89 8.02 21.73
C ALA A 324 7.13 9.30 20.93
N ASN A 325 7.42 9.15 19.65
CA ASN A 325 7.65 10.27 18.76
C ASN A 325 6.77 10.14 17.53
N ALA A 326 6.51 11.26 16.90
CA ALA A 326 5.71 11.28 15.69
C ALA A 326 6.58 11.01 14.46
N SER A 327 5.98 10.32 13.48
CA SER A 327 6.63 10.16 12.19
C SER A 327 5.55 9.85 11.16
N ILE A 328 5.31 10.76 10.24
CA ILE A 328 4.39 10.51 9.14
C ILE A 328 5.12 9.75 8.04
N TYR A 329 4.57 8.61 7.63
CA TYR A 329 5.22 7.81 6.60
C TYR A 329 5.42 8.63 5.34
N ASN A 330 6.65 8.64 4.82
CA ASN A 330 6.93 9.42 3.62
C ASN A 330 7.44 8.55 2.48
N GLY A 331 7.31 7.23 2.57
CA GLY A 331 7.86 6.33 1.58
C GLY A 331 9.22 5.77 1.93
N ASP A 332 9.85 6.31 2.97
CA ASP A 332 11.24 5.96 3.33
C ASP A 332 11.23 5.61 4.81
N LEU A 333 11.29 4.32 5.13
CA LEU A 333 11.31 3.85 6.51
C LEU A 333 12.58 4.26 7.25
N SER A 334 13.64 4.65 6.54
CA SER A 334 14.83 5.08 7.25
C SER A 334 14.74 6.54 7.69
N THR A 335 13.70 7.27 7.32
CA THR A 335 13.56 8.66 7.75
C THR A 335 13.51 8.73 9.27
N PRO A 336 14.34 9.55 9.91
CA PRO A 336 14.28 9.65 11.36
C PRO A 336 12.98 10.27 11.83
N PHE A 337 12.59 9.91 13.06
CA PHE A 337 11.37 10.42 13.65
C PHE A 337 11.52 11.89 14.00
N SER A 338 10.38 12.53 14.28
CA SER A 338 10.38 13.83 14.93
C SER A 338 11.00 13.70 16.31
N THR A 339 11.60 14.79 16.79
CA THR A 339 12.13 14.83 18.15
C THR A 339 11.05 15.10 19.18
N SER A 340 9.85 15.44 18.74
CA SER A 340 8.71 15.74 19.61
C SER A 340 7.59 14.73 19.34
N ILE A 341 6.45 14.94 20.00
CA ILE A 341 5.28 14.11 19.77
C ILE A 341 4.49 14.57 18.56
N ASN A 342 4.94 15.61 17.86
CA ASN A 342 4.21 16.24 16.77
C ASN A 342 5.01 16.16 15.48
N GLN A 343 4.30 16.04 14.37
CA GLN A 343 4.88 16.25 13.06
C GLN A 343 3.78 16.66 12.11
N THR A 344 4.10 17.57 11.21
CA THR A 344 3.23 18.02 10.15
C THR A 344 3.93 17.72 8.83
N ALA A 345 3.18 17.23 7.85
CA ALA A 345 3.66 17.04 6.50
C ALA A 345 2.69 17.74 5.57
N ALA A 346 3.22 18.63 4.74
CA ALA A 346 2.42 19.35 3.74
C ALA A 346 3.11 19.18 2.39
N THR A 347 2.30 18.93 1.36
CA THR A 347 2.79 18.58 0.03
C THR A 347 1.97 19.31 -1.02
N VAL A 348 2.65 19.82 -2.03
CA VAL A 348 2.03 20.28 -3.27
C VAL A 348 2.70 19.52 -4.41
N GLY A 349 1.91 18.97 -5.32
CA GLY A 349 2.54 18.12 -6.30
C GLY A 349 1.76 17.99 -7.59
N LEU A 350 2.37 17.23 -8.49
CA LEU A 350 1.89 17.05 -9.85
C LEU A 350 1.92 15.57 -10.16
N ARG A 351 0.83 15.05 -10.71
CA ARG A 351 0.74 13.64 -11.05
C ARG A 351 0.31 13.52 -12.51
N HIS A 352 1.01 12.70 -13.27
CA HIS A 352 0.70 12.51 -14.68
C HIS A 352 0.74 11.02 -15.01
N ARG A 353 -0.33 10.54 -15.64
CA ARG A 353 -0.44 9.16 -16.08
C ARG A 353 -0.38 9.10 -17.59
N PHE A 354 0.33 8.12 -18.12
CA PHE A 354 0.37 7.90 -19.56
C PHE A 354 -0.02 6.46 -19.87
N HIS A 355 -0.25 6.20 -21.15
CA HIS A 355 -0.95 4.98 -21.56
C HIS A 355 -0.87 4.79 -23.07
N HIS A 356 -0.36 3.65 -23.53
CA HIS A 356 -0.42 3.35 -24.96
C HIS A 356 -0.80 1.91 -25.21
N HIS A 357 -1.87 1.72 -26.00
CA HIS A 357 -2.55 0.45 -26.18
C HIS A 357 -2.03 -0.37 -27.36
N HIS A 358 -1.23 0.22 -28.25
CA HIS A 358 -0.61 -0.51 -29.36
C HIS A 358 -1.67 -1.19 -30.23
N HIS A 359 -2.43 -0.36 -30.94
CA HIS A 359 -3.49 -0.86 -31.80
C HIS A 359 -2.93 -1.61 -33.01
O12 C8E B . -14.88 -4.32 11.87
C13 C8E B . -14.54 -5.67 12.05
C14 C8E B . -13.99 -5.88 13.47
O15 C8E B . -13.67 -4.64 14.05
C16 C8E B . -12.38 -4.65 14.63
C17 C8E B . -12.34 -5.50 15.89
O18 C8E B . -11.01 -5.92 16.12
C19 C8E B . -10.32 -5.15 17.09
C20 C8E B . -9.19 -6.01 17.68
O21 C8E B . -8.76 -5.47 18.90
O12 C8E C . 7.73 26.90 7.99
C13 C8E C . 6.45 26.33 7.81
C14 C8E C . 6.39 25.69 6.42
O15 C8E C . 5.36 26.33 5.69
C16 C8E C . 4.42 25.42 5.16
C17 C8E C . 4.99 24.72 3.93
O18 C8E C . 3.93 24.29 3.11
C19 C8E C . 4.20 24.42 1.74
C20 C8E C . 3.95 23.06 1.07
O21 C8E C . 5.05 22.70 0.27
O15 C8E D . 1.78 -26.30 2.60
C16 C8E D . 1.64 -26.23 1.20
C17 C8E D . 0.90 -24.96 0.81
O18 C8E D . 1.13 -24.66 -0.54
C19 C8E D . 0.00 -24.88 -1.36
C20 C8E D . -0.34 -23.61 -2.11
O21 C8E D . -0.40 -23.88 -3.50
O12 C8E E . -7.47 11.55 -10.07
C13 C8E E . -7.40 12.92 -9.73
C14 C8E E . -8.66 13.30 -8.96
O15 C8E E . -9.31 14.37 -9.63
C16 C8E E . -10.05 15.18 -8.75
C17 C8E E . -11.34 14.48 -8.37
O18 C8E E . -12.18 14.34 -9.50
C19 C8E E . -12.14 13.03 -10.01
C20 C8E E . -13.50 12.37 -9.78
O21 C8E E . -13.36 11.35 -8.81
O12 C8E F . 2.42 -26.77 -4.65
C13 C8E F . 2.86 -27.94 -4.02
C14 C8E F . 3.07 -27.64 -2.53
O15 C8E F . 4.11 -28.43 -2.01
C16 C8E F . 4.34 -28.10 -0.66
C17 C8E F . 4.28 -29.36 0.17
O18 C8E F . 5.55 -29.95 0.17
C19 C8E F . 5.84 -30.52 1.43
C20 C8E F . 6.59 -29.51 2.28
O21 C8E F . 7.92 -29.95 2.45
O9 C8E G . -3.30 -20.46 -4.57
C10 C8E G . -2.75 -20.75 -3.30
C11 C8E G . -3.48 -19.90 -2.25
O12 C8E G . -3.85 -20.69 -1.15
C13 C8E G . -3.71 -19.99 0.07
C14 C8E G . -3.73 -20.97 1.24
O15 C8E G . -2.47 -20.96 1.87
C16 C8E G . -1.90 -22.25 1.85
C17 C8E G . -2.08 -22.94 3.19
O18 C8E G . -1.09 -22.49 4.09
C19 C8E G . -1.58 -22.33 5.40
C20 C8E G . -0.64 -23.09 6.35
O21 C8E G . 0.48 -23.52 5.61
O15 C8E H . -9.61 12.83 17.15
C16 C8E H . -10.87 12.22 17.18
C17 C8E H . -11.27 11.81 15.76
O18 C8E H . -12.01 10.60 15.83
C19 C8E H . -13.34 10.74 15.37
C20 C8E H . -13.67 9.56 14.46
O21 C8E H . -14.27 10.02 13.26
O15 C8E I . -11.92 1.79 17.83
C16 C8E I . -11.26 2.43 18.89
C17 C8E I . -10.16 1.54 19.45
O18 C8E I . -9.52 2.19 20.54
C19 C8E I . -9.27 1.33 21.63
C20 C8E I . -7.77 1.32 21.92
O21 C8E I . -7.52 1.76 23.25
O15 C8E J . -12.26 15.20 20.32
C16 C8E J . -13.09 14.77 19.26
C17 C8E J . -13.40 15.96 18.35
O18 C8E J . -13.41 15.55 17.01
C19 C8E J . -14.46 14.64 16.73
C20 C8E J . -15.37 15.25 15.67
O21 C8E J . -15.20 14.55 14.45
NA NA K . -2.42 2.65 -37.33
NA NA L . 5.40 0.96 -28.09
#